data_8HF8
#
_entry.id   8HF8
#
_cell.length_a   39.795
_cell.length_b   92.966
_cell.length_c   96.715
_cell.angle_alpha   90.000
_cell.angle_beta   96.000
_cell.angle_gamma   90.000
#
_symmetry.space_group_name_H-M   'P 1 21 1'
#
loop_
_entity.id
_entity.type
_entity.pdbx_description
1 polymer 'Peroxisome proliferator-activated receptor delta'
2 non-polymer '2-[4-[[2,5-bis(oxidanylidene)-3-[4-(trifluoromethyl)phenyl]imidazolidin-1-yl]methyl]-2,6-dimethyl-phenoxy]-2-methyl-propanoic acid'
3 non-polymer 'octyl beta-D-glucopyranoside'
4 water water
#
_entity_poly.entity_id   1
_entity_poly.type   'polypeptide(L)'
_entity_poly.pdbx_seq_one_letter_code
;MHHHHHHLVPRGSADLKAFSKHIYNAYLKNFNMTKKKARSILTGKASHTAPFVIHDIETLWQAEKGLVWKQLVNGLPPYK
EISVHVFYRCQCTTVETVRELTEFAKSIPSFSSLFLNDQVTLLKYGVHEAIFAMLASIVNKDGLLVANGSGFVTREFLRS
LRKPFSDIIEPKFEFAVKFNALELDDSDLALFIAAIILCGDRPGLMNVPRVEAIQDTILRALEFHLQANHPDAQYLFPKL
LQKMADLRQLVTEHAQMMQRIKKTETETSLHPLLQEIYKDMY
;
_entity_poly.pdbx_strand_id   A,B
#
# COMPACT_ATOMS: atom_id res chain seq x y z
N ALA A 14 11.97 29.16 8.61
CA ALA A 14 11.08 29.39 9.76
C ALA A 14 9.90 28.42 9.82
N ASP A 15 9.35 28.08 8.63
CA ASP A 15 8.40 26.98 8.49
C ASP A 15 9.06 25.65 8.78
N LEU A 16 10.36 25.55 8.51
CA LEU A 16 11.07 24.32 8.72
C LEU A 16 11.02 23.88 10.17
N LYS A 17 10.95 24.82 11.12
CA LYS A 17 10.79 24.44 12.53
C LYS A 17 9.49 23.69 12.75
N ALA A 18 8.39 24.19 12.17
CA ALA A 18 7.09 23.54 12.27
C ALA A 18 7.07 22.18 11.59
N PHE A 19 7.68 22.08 10.41
CA PHE A 19 7.76 20.81 9.72
C PHE A 19 8.49 19.79 10.58
N SER A 20 9.65 20.19 11.12
CA SER A 20 10.39 19.32 12.03
C SER A 20 9.51 18.86 13.17
N LYS A 21 8.72 19.76 13.75
CA LYS A 21 7.86 19.43 14.88
C LYS A 21 6.83 18.38 14.52
N HIS A 22 6.13 18.57 13.38
CA HIS A 22 5.23 17.53 12.85
C HIS A 22 5.88 16.16 12.85
N ILE A 23 7.07 16.11 12.28
CA ILE A 23 7.67 14.80 12.03
C ILE A 23 8.09 14.15 13.35
N TYR A 24 8.63 14.96 14.28
CA TYR A 24 8.98 14.48 15.61
C TYR A 24 7.75 13.93 16.34
N ASN A 25 6.62 14.63 16.22
CA ASN A 25 5.36 14.17 16.85
C ASN A 25 4.93 12.83 16.28
N ALA A 26 5.02 12.66 14.95
CA ALA A 26 4.69 11.37 14.35
C ALA A 26 5.62 10.27 14.88
N TYR A 27 6.89 10.62 15.07
CA TYR A 27 7.86 9.66 15.60
C TYR A 27 7.51 9.25 17.03
N LEU A 28 7.30 10.23 17.92
CA LEU A 28 6.97 9.90 19.31
C LEU A 28 5.66 9.16 19.43
N LYS A 29 4.73 9.44 18.52
CA LYS A 29 3.45 8.75 18.54
C LYS A 29 3.56 7.30 18.06
N ASN A 30 4.55 6.95 17.21
CA ASN A 30 4.46 5.66 16.53
C ASN A 30 5.51 4.62 16.88
N PHE A 31 6.58 4.98 17.56
CA PHE A 31 7.66 4.04 17.84
C PHE A 31 7.60 3.62 19.31
N ASN A 32 7.56 2.32 19.57
CA ASN A 32 7.51 1.85 20.95
C ASN A 32 8.75 2.24 21.74
N MET A 33 9.92 2.23 21.10
CA MET A 33 11.20 2.51 21.75
C MET A 33 11.78 3.82 21.21
N THR A 34 12.04 4.80 22.06
CA THR A 34 12.80 5.97 21.62
C THR A 34 14.25 5.84 22.10
N LYS A 35 15.13 6.66 21.54
CA LYS A 35 16.52 6.64 22.01
C LYS A 35 16.62 7.16 23.45
N LYS A 36 15.84 8.16 23.81
CA LYS A 36 15.81 8.67 25.22
C LYS A 36 15.63 7.51 26.18
N LYS A 37 14.55 6.75 26.03
CA LYS A 37 14.29 5.55 26.83
C LYS A 37 15.38 4.49 26.73
N ALA A 38 15.87 4.23 25.51
CA ALA A 38 16.89 3.18 25.36
C ALA A 38 18.14 3.53 26.15
N ARG A 39 18.60 4.78 26.02
CA ARG A 39 19.79 5.23 26.75
C ARG A 39 19.56 5.22 28.26
N SER A 40 18.37 5.64 28.72
CA SER A 40 18.09 5.57 30.16
C SER A 40 18.14 4.13 30.67
N ILE A 41 17.61 3.18 29.89
CA ILE A 41 17.70 1.78 30.27
C ILE A 41 19.15 1.28 30.22
N LEU A 42 19.89 1.61 29.16
CA LEU A 42 21.27 1.16 28.98
C LEU A 42 22.26 1.78 29.94
N THR A 43 21.87 2.81 30.69
CA THR A 43 22.80 3.42 31.62
C THR A 43 22.30 3.31 33.05
N GLY A 44 21.33 2.42 33.29
CA GLY A 44 20.77 2.14 34.62
C GLY A 44 20.25 3.41 35.29
N LYS A 45 19.24 4.01 34.66
CA LYS A 45 18.55 5.17 35.21
C LYS A 45 17.04 4.97 35.24
N ALA A 46 16.56 3.75 34.97
CA ALA A 46 15.12 3.46 34.90
C ALA A 46 14.69 2.27 35.75
N SER A 47 15.62 1.51 36.33
CA SER A 47 15.29 0.37 37.16
C SER A 47 16.39 0.22 38.21
N HIS A 48 16.07 -0.50 39.29
CA HIS A 48 17.05 -0.66 40.35
C HIS A 48 18.38 -1.20 39.80
N THR A 49 18.35 -2.27 38.99
CA THR A 49 19.58 -2.70 38.34
C THR A 49 19.53 -2.72 36.81
N ALA A 50 18.72 -3.59 36.17
CA ALA A 50 18.95 -3.75 34.72
C ALA A 50 18.00 -4.69 33.98
N PRO A 51 18.01 -4.65 32.64
CA PRO A 51 17.25 -5.64 31.87
C PRO A 51 17.86 -7.04 31.96
N PHE A 52 17.01 -8.05 31.72
CA PHE A 52 17.44 -9.46 31.84
C PHE A 52 18.41 -9.80 30.70
N VAL A 53 19.58 -10.29 31.08
CA VAL A 53 20.66 -10.55 30.12
C VAL A 53 20.53 -11.93 29.50
N ILE A 54 20.50 -11.97 28.19
CA ILE A 54 20.42 -13.19 27.43
C ILE A 54 21.81 -13.36 26.80
N HIS A 55 22.48 -14.44 27.23
CA HIS A 55 23.83 -14.71 26.77
C HIS A 55 24.13 -16.18 26.47
N ASP A 56 23.14 -17.09 26.59
CA ASP A 56 23.34 -18.51 26.28
C ASP A 56 21.97 -19.16 26.08
N ILE A 57 21.96 -20.46 25.75
CA ILE A 57 20.69 -21.12 25.40
C ILE A 57 19.75 -21.16 26.60
N GLU A 58 20.32 -21.26 27.81
CA GLU A 58 19.52 -21.39 29.03
C GLU A 58 18.80 -20.09 29.38
N THR A 59 19.53 -18.97 29.36
CA THR A 59 18.90 -17.68 29.60
C THR A 59 17.89 -17.31 28.50
N LEU A 60 18.12 -17.76 27.27
CA LEU A 60 17.10 -17.57 26.24
C LEU A 60 15.82 -18.32 26.60
N TRP A 61 15.97 -19.58 27.04
CA TRP A 61 14.77 -20.31 27.46
C TRP A 61 14.07 -19.60 28.62
N GLN A 62 14.84 -19.12 29.61
CA GLN A 62 14.20 -18.40 30.71
C GLN A 62 13.44 -17.18 30.19
N ALA A 63 14.08 -16.41 29.32
CA ALA A 63 13.46 -15.19 28.83
C ALA A 63 12.13 -15.48 28.15
N GLU A 64 12.09 -16.55 27.35
CA GLU A 64 10.87 -16.96 26.67
C GLU A 64 9.83 -17.60 27.59
N LYS A 65 10.16 -17.85 28.87
CA LYS A 65 9.26 -18.56 29.76
C LYS A 65 8.31 -17.60 30.47
N GLY A 66 7.91 -16.53 29.79
CA GLY A 66 7.11 -15.48 30.37
C GLY A 66 7.92 -14.24 30.73
N LEU A 67 9.16 -14.45 31.17
CA LEU A 67 9.97 -13.39 31.75
C LEU A 67 10.17 -12.20 30.80
N VAL A 68 10.72 -12.44 29.61
CA VAL A 68 10.92 -11.39 28.61
C VAL A 68 9.81 -11.39 27.57
N TRP A 69 9.49 -12.56 27.00
CA TRP A 69 8.35 -12.77 26.12
C TRP A 69 7.32 -13.68 26.78
N LYS A 70 6.10 -13.67 26.24
CA LYS A 70 5.01 -14.47 26.79
C LYS A 70 4.81 -15.78 26.03
N LEU A 76 6.25 -19.26 17.30
CA LEU A 76 7.38 -19.34 16.38
C LEU A 76 7.29 -20.57 15.51
N PRO A 77 7.83 -20.49 14.30
CA PRO A 77 7.78 -21.64 13.38
C PRO A 77 8.71 -22.75 13.82
N PRO A 78 8.56 -23.94 13.23
CA PRO A 78 9.45 -25.05 13.57
C PRO A 78 10.92 -24.67 13.40
N TYR A 79 11.72 -24.94 14.43
CA TYR A 79 13.17 -24.74 14.37
C TYR A 79 13.87 -25.90 15.07
N LYS A 80 15.12 -26.15 14.64
CA LYS A 80 15.91 -27.27 15.11
C LYS A 80 17.14 -26.87 15.92
N GLU A 81 17.47 -25.58 16.00
CA GLU A 81 18.68 -25.20 16.71
C GLU A 81 18.63 -23.74 17.11
N ILE A 82 19.48 -23.40 18.07
CA ILE A 82 19.47 -22.10 18.73
C ILE A 82 19.68 -20.98 17.70
N SER A 83 20.59 -21.16 16.75
CA SER A 83 20.87 -20.09 15.77
C SER A 83 19.61 -19.71 15.00
N VAL A 84 18.83 -20.70 14.57
CA VAL A 84 17.63 -20.43 13.79
C VAL A 84 16.53 -19.85 14.67
N HIS A 85 16.44 -20.32 15.90
CA HIS A 85 15.51 -19.74 16.87
C HIS A 85 15.74 -18.24 17.02
N VAL A 86 17.02 -17.84 17.19
CA VAL A 86 17.35 -16.42 17.33
C VAL A 86 17.02 -15.66 16.05
N PHE A 87 17.30 -16.26 14.89
CA PHE A 87 16.96 -15.66 13.60
C PHE A 87 15.46 -15.41 13.48
N TYR A 88 14.65 -16.35 13.98
CA TYR A 88 13.18 -16.18 14.01
C TYR A 88 12.77 -15.04 14.93
N ARG A 89 13.41 -14.92 16.10
CA ARG A 89 13.11 -13.76 16.95
C ARG A 89 13.48 -12.44 16.25
N CYS A 90 14.58 -12.44 15.50
CA CYS A 90 14.97 -11.24 14.73
C CYS A 90 13.92 -10.88 13.70
N GLN A 91 13.40 -11.89 13.02
CA GLN A 91 12.32 -11.65 12.08
C GLN A 91 11.10 -11.06 12.75
N CYS A 92 10.73 -11.59 13.93
CA CYS A 92 9.54 -11.04 14.58
C CYS A 92 9.71 -9.57 14.92
N THR A 93 10.90 -9.23 15.46
CA THR A 93 11.19 -7.83 15.76
C THR A 93 11.06 -6.98 14.51
N THR A 94 11.58 -7.49 13.38
CA THR A 94 11.59 -6.68 12.16
C THR A 94 10.17 -6.44 11.63
N VAL A 95 9.32 -7.45 11.68
CA VAL A 95 7.93 -7.27 11.26
C VAL A 95 7.26 -6.20 12.12
N GLU A 96 7.45 -6.26 13.43
CA GLU A 96 6.90 -5.22 14.31
C GLU A 96 7.42 -3.83 13.96
N THR A 97 8.74 -3.69 13.73
CA THR A 97 9.27 -2.37 13.36
C THR A 97 8.77 -1.90 12.01
N VAL A 98 8.55 -2.81 11.05
CA VAL A 98 7.98 -2.41 9.77
C VAL A 98 6.58 -1.84 9.96
N ARG A 99 5.79 -2.46 10.84
CA ARG A 99 4.46 -1.91 11.14
C ARG A 99 4.58 -0.51 11.71
N GLU A 100 5.51 -0.33 12.66
CA GLU A 100 5.68 1.01 13.23
C GLU A 100 6.15 2.04 12.20
N LEU A 101 7.10 1.67 11.34
CA LEU A 101 7.57 2.61 10.30
C LEU A 101 6.48 2.94 9.31
N THR A 102 5.60 1.98 9.05
CA THR A 102 4.49 2.22 8.15
C THR A 102 3.53 3.24 8.75
N GLU A 103 3.20 3.09 10.02
CA GLU A 103 2.32 4.08 10.66
C GLU A 103 3.01 5.43 10.71
N PHE A 104 4.30 5.45 11.04
CA PHE A 104 5.04 6.71 11.05
C PHE A 104 4.98 7.41 9.69
N ALA A 105 5.25 6.67 8.60
CA ALA A 105 5.25 7.32 7.29
C ALA A 105 3.87 7.81 6.94
N LYS A 106 2.82 7.04 7.29
CA LYS A 106 1.47 7.50 7.00
C LYS A 106 1.15 8.78 7.78
N SER A 107 1.73 8.94 9.00
CA SER A 107 1.50 10.21 9.71
C SER A 107 2.23 11.32 9.10
N ILE A 108 2.90 11.12 7.97
CA ILE A 108 3.39 12.24 7.16
C ILE A 108 2.36 12.50 6.06
N PRO A 109 1.65 13.63 6.08
CA PRO A 109 0.55 13.82 5.09
C PRO A 109 1.02 13.68 3.65
N SER A 110 2.22 14.20 3.32
CA SER A 110 2.64 14.10 1.92
C SER A 110 3.00 12.67 1.52
N PHE A 111 3.41 11.82 2.47
CA PHE A 111 3.55 10.41 2.13
C PHE A 111 2.19 9.83 1.78
N SER A 112 1.16 10.14 2.57
CA SER A 112 -0.18 9.58 2.34
C SER A 112 -0.83 10.14 1.09
N SER A 113 -0.33 11.24 0.55
CA SER A 113 -0.90 11.73 -0.70
C SER A 113 -0.43 10.93 -1.91
N LEU A 114 0.63 10.13 -1.77
CA LEU A 114 1.09 9.27 -2.86
C LEU A 114 0.08 8.13 -3.12
N PHE A 115 0.09 7.61 -4.35
CA PHE A 115 -0.68 6.40 -4.62
C PHE A 115 -0.19 5.24 -3.74
N LEU A 116 -1.11 4.36 -3.37
CA LEU A 116 -0.77 3.35 -2.36
C LEU A 116 0.42 2.50 -2.81
N ASN A 117 0.54 2.24 -4.12
CA ASN A 117 1.63 1.43 -4.63
C ASN A 117 2.97 2.15 -4.51
N ASP A 118 2.98 3.48 -4.67
CA ASP A 118 4.21 4.23 -4.38
C ASP A 118 4.55 4.17 -2.89
N GLN A 119 3.55 4.30 -2.01
CA GLN A 119 3.80 4.10 -0.58
C GLN A 119 4.49 2.76 -0.31
N VAL A 120 3.96 1.69 -0.92
CA VAL A 120 4.52 0.36 -0.68
C VAL A 120 5.93 0.27 -1.24
N THR A 121 6.16 0.87 -2.41
CA THR A 121 7.50 0.85 -3.00
C THR A 121 8.52 1.52 -2.05
N LEU A 122 8.15 2.68 -1.49
CA LEU A 122 9.06 3.37 -0.57
C LEU A 122 9.32 2.57 0.68
N LEU A 123 8.28 1.99 1.28
CA LEU A 123 8.48 1.13 2.46
C LEU A 123 9.32 -0.09 2.11
N LYS A 124 9.01 -0.75 0.99
CA LYS A 124 9.75 -1.94 0.59
C LYS A 124 11.24 -1.69 0.54
N TYR A 125 11.64 -0.62 -0.11
CA TYR A 125 13.07 -0.38 -0.24
C TYR A 125 13.66 0.48 0.85
N GLY A 126 12.86 1.07 1.73
CA GLY A 126 13.40 1.90 2.78
C GLY A 126 13.38 1.32 4.18
N VAL A 127 12.57 0.28 4.45
CA VAL A 127 12.40 -0.11 5.85
C VAL A 127 13.71 -0.63 6.43
N HIS A 128 14.50 -1.37 5.65
CA HIS A 128 15.71 -1.94 6.27
C HIS A 128 16.77 -0.90 6.54
N GLU A 129 16.93 0.07 5.64
CA GLU A 129 17.80 1.20 5.96
C GLU A 129 17.34 1.89 7.25
N ALA A 130 16.02 2.13 7.36
CA ALA A 130 15.49 2.78 8.57
C ALA A 130 15.70 1.91 9.80
N ILE A 131 15.50 0.60 9.66
CA ILE A 131 15.67 -0.32 10.78
C ILE A 131 17.10 -0.26 11.28
N PHE A 132 18.07 -0.32 10.35
CA PHE A 132 19.46 -0.37 10.80
C PHE A 132 19.86 0.93 11.47
N ALA A 133 19.36 2.07 10.98
CA ALA A 133 19.63 3.33 11.68
C ALA A 133 19.02 3.34 13.09
N MET A 134 17.75 2.97 13.19
CA MET A 134 17.10 2.99 14.52
C MET A 134 17.69 1.95 15.45
N LEU A 135 18.29 0.90 14.90
CA LEU A 135 18.90 -0.11 15.76
C LEU A 135 20.00 0.49 16.60
N ALA A 136 20.70 1.49 16.06
CA ALA A 136 21.79 2.07 16.86
C ALA A 136 21.26 2.64 18.17
N SER A 137 20.01 3.11 18.19
CA SER A 137 19.46 3.64 19.42
C SER A 137 19.41 2.61 20.55
N ILE A 138 19.32 1.31 20.28
CA ILE A 138 19.20 0.29 21.35
C ILE A 138 20.46 -0.57 21.47
N VAL A 139 21.56 -0.13 20.88
CA VAL A 139 22.78 -0.91 20.84
C VAL A 139 23.87 -0.18 21.62
N ASN A 140 24.71 -0.96 22.32
CA ASN A 140 26.00 -0.41 22.68
C ASN A 140 27.06 -1.41 22.28
N LYS A 141 28.29 -1.17 22.72
CA LYS A 141 29.42 -2.07 22.51
C LYS A 141 29.05 -3.52 22.78
N ASP A 142 28.27 -3.76 23.82
CA ASP A 142 28.17 -5.11 24.39
C ASP A 142 26.93 -5.88 23.99
N GLY A 143 25.93 -5.22 23.42
CA GLY A 143 24.76 -5.96 22.98
C GLY A 143 23.61 -5.02 22.65
N LEU A 144 22.41 -5.58 22.63
CA LEU A 144 21.27 -4.76 22.27
C LEU A 144 20.06 -5.13 23.09
N LEU A 145 19.23 -4.11 23.32
CA LEU A 145 17.96 -4.29 24.01
C LEU A 145 17.01 -5.07 23.14
N VAL A 146 16.27 -5.98 23.75
CA VAL A 146 15.23 -6.73 23.06
C VAL A 146 13.93 -6.62 23.85
N ALA A 147 12.83 -6.95 23.17
CA ALA A 147 11.51 -6.98 23.79
C ALA A 147 11.20 -5.65 24.44
N ASN A 148 11.37 -4.58 23.66
CA ASN A 148 11.00 -3.25 24.12
C ASN A 148 11.75 -2.92 25.43
N GLY A 149 13.02 -3.36 25.51
CA GLY A 149 13.86 -3.03 26.64
C GLY A 149 13.76 -3.94 27.84
N SER A 150 12.96 -5.02 27.78
CA SER A 150 12.90 -5.96 28.90
C SER A 150 14.16 -6.82 28.97
N GLY A 151 14.84 -7.01 27.83
CA GLY A 151 16.01 -7.87 27.80
C GLY A 151 17.19 -7.16 27.16
N PHE A 152 18.34 -7.79 27.32
CA PHE A 152 19.58 -7.32 26.70
C PHE A 152 20.32 -8.54 26.21
N VAL A 153 20.43 -8.69 24.90
CA VAL A 153 21.12 -9.84 24.33
C VAL A 153 22.55 -9.42 24.02
N THR A 154 23.50 -10.20 24.50
CA THR A 154 24.91 -9.83 24.37
C THR A 154 25.45 -10.05 22.95
N ARG A 155 26.33 -9.14 22.54
CA ARG A 155 27.00 -9.25 21.26
C ARG A 155 27.83 -10.53 21.19
N GLU A 156 28.44 -10.92 22.30
CA GLU A 156 29.20 -12.15 22.35
C GLU A 156 28.30 -13.39 22.12
N PHE A 157 27.13 -13.40 22.72
CA PHE A 157 26.23 -14.52 22.46
C PHE A 157 25.86 -14.58 20.99
N LEU A 158 25.60 -13.41 20.37
CA LEU A 158 25.25 -13.44 18.95
C LEU A 158 26.42 -13.91 18.10
N ARG A 159 27.65 -13.57 18.49
CA ARG A 159 28.84 -14.08 17.81
C ARG A 159 29.00 -15.57 17.95
N SER A 160 28.45 -16.17 19.00
CA SER A 160 28.56 -17.60 19.22
C SER A 160 27.62 -18.42 18.34
N LEU A 161 26.68 -17.77 17.65
CA LEU A 161 25.79 -18.50 16.75
C LEU A 161 26.58 -19.02 15.54
N ARG A 162 26.10 -20.10 14.95
CA ARG A 162 26.92 -20.58 13.85
C ARG A 162 26.77 -19.69 12.62
N LYS A 163 27.78 -19.73 11.76
CA LYS A 163 27.67 -19.07 10.47
C LYS A 163 26.55 -19.75 9.67
N PRO A 164 25.81 -19.00 8.88
CA PRO A 164 25.94 -17.58 8.58
C PRO A 164 25.16 -16.67 9.51
N PHE A 165 24.58 -17.16 10.61
CA PHE A 165 23.75 -16.26 11.40
C PHE A 165 24.56 -15.26 12.22
N SER A 166 25.73 -15.64 12.71
CA SER A 166 26.55 -14.67 13.43
C SER A 166 27.17 -13.65 12.47
N ASP A 167 27.44 -14.04 11.22
CA ASP A 167 27.95 -13.09 10.24
C ASP A 167 26.97 -11.99 9.90
N ILE A 168 25.66 -12.28 9.87
CA ILE A 168 24.69 -11.27 9.42
C ILE A 168 24.49 -10.19 10.50
N ILE A 169 24.67 -10.52 11.77
CA ILE A 169 24.29 -9.57 12.81
C ILE A 169 25.41 -8.59 13.13
N GLU A 170 26.66 -9.05 13.11
CA GLU A 170 27.78 -8.24 13.58
C GLU A 170 27.99 -6.92 12.80
N PRO A 171 27.87 -6.88 11.47
CA PRO A 171 28.00 -5.57 10.77
C PRO A 171 27.00 -4.54 11.27
N LYS A 172 25.84 -4.97 11.75
CA LYS A 172 24.91 -4.00 12.32
C LYS A 172 25.50 -3.34 13.55
N PHE A 173 26.19 -4.13 14.40
CA PHE A 173 26.88 -3.54 15.55
C PHE A 173 27.98 -2.58 15.09
N GLU A 174 28.77 -3.00 14.11
CA GLU A 174 29.86 -2.12 13.66
C GLU A 174 29.29 -0.80 13.11
N PHE A 175 28.19 -0.84 12.34
CA PHE A 175 27.56 0.40 11.90
C PHE A 175 27.05 1.22 13.07
N ALA A 176 26.39 0.55 14.04
CA ALA A 176 25.69 1.27 15.11
C ALA A 176 26.68 2.04 16.00
N VAL A 177 27.80 1.45 16.32
CA VAL A 177 28.72 2.10 17.24
C VAL A 177 29.22 3.39 16.62
N LYS A 178 29.55 3.34 15.34
CA LYS A 178 29.97 4.56 14.66
C LYS A 178 28.83 5.56 14.52
N PHE A 179 27.61 5.08 14.32
CA PHE A 179 26.50 6.02 14.16
C PHE A 179 26.20 6.71 15.48
N ASN A 180 26.27 5.98 16.59
CA ASN A 180 26.02 6.56 17.90
C ASN A 180 27.08 7.58 18.27
N ALA A 181 28.29 7.43 17.71
CA ALA A 181 29.26 8.50 17.91
C ALA A 181 28.74 9.83 17.38
N LEU A 182 27.77 9.83 16.48
CA LEU A 182 27.26 11.14 16.08
C LEU A 182 26.38 11.77 17.16
N GLU A 183 25.87 11.02 18.17
CA GLU A 183 25.15 11.71 19.25
C GLU A 183 23.81 12.32 18.82
N LEU A 184 23.09 11.71 17.88
CA LEU A 184 21.81 12.29 17.52
C LEU A 184 20.80 12.02 18.60
N ASP A 185 19.76 12.87 18.69
CA ASP A 185 18.65 12.62 19.60
C ASP A 185 17.41 12.27 18.79
N ASP A 186 16.32 11.96 19.50
CA ASP A 186 15.13 11.48 18.81
C ASP A 186 14.61 12.50 17.81
N SER A 187 14.68 13.80 18.13
CA SER A 187 14.20 14.80 17.17
C SER A 187 15.02 14.81 15.88
N ASP A 188 16.34 14.57 15.96
CA ASP A 188 17.15 14.44 14.73
C ASP A 188 16.79 13.18 13.96
N LEU A 189 16.65 12.07 14.69
CA LEU A 189 16.37 10.78 14.08
C LEU A 189 15.05 10.79 13.34
N ALA A 190 14.04 11.46 13.91
CA ALA A 190 12.74 11.48 13.26
C ALA A 190 12.87 12.01 11.84
N LEU A 191 13.58 13.14 11.68
CA LEU A 191 13.84 13.67 10.36
C LEU A 191 14.74 12.74 9.53
N PHE A 192 15.78 12.15 10.15
CA PHE A 192 16.67 11.25 9.39
C PHE A 192 15.90 10.07 8.80
N ILE A 193 15.07 9.44 9.62
CA ILE A 193 14.26 8.30 9.17
C ILE A 193 13.27 8.74 8.09
N ALA A 194 12.61 9.87 8.30
CA ALA A 194 11.70 10.34 7.27
C ALA A 194 12.44 10.48 5.94
N ALA A 195 13.66 11.03 5.96
CA ALA A 195 14.40 11.22 4.71
C ALA A 195 14.82 9.88 4.11
N ILE A 196 15.05 8.87 4.95
CA ILE A 196 15.36 7.56 4.41
C ILE A 196 14.16 7.00 3.65
N ILE A 197 12.96 7.10 4.25
CA ILE A 197 11.76 6.53 3.63
C ILE A 197 11.39 7.31 2.35
N LEU A 198 11.45 8.64 2.41
CA LEU A 198 11.03 9.46 1.26
C LEU A 198 12.21 9.61 0.31
N CYS A 199 12.57 8.50 -0.33
CA CYS A 199 13.74 8.47 -1.18
C CYS A 199 13.28 8.35 -2.63
N GLY A 200 13.70 9.32 -3.46
CA GLY A 200 13.26 9.36 -4.85
C GLY A 200 13.88 8.28 -5.72
N ASP A 201 14.89 7.58 -5.20
CA ASP A 201 15.69 6.64 -5.97
C ASP A 201 15.09 5.25 -6.08
N ARG A 202 14.02 4.94 -5.36
CA ARG A 202 13.65 3.54 -5.24
C ARG A 202 13.18 3.00 -6.59
N PRO A 203 13.56 1.76 -6.92
CA PRO A 203 13.12 1.17 -8.20
C PRO A 203 11.61 1.08 -8.32
N GLY A 204 11.10 1.38 -9.51
CA GLY A 204 9.69 1.23 -9.79
C GLY A 204 8.82 2.32 -9.20
N LEU A 205 9.43 3.38 -8.68
CA LEU A 205 8.67 4.45 -8.08
C LEU A 205 7.89 5.15 -9.18
N MET A 206 6.64 5.49 -8.90
CA MET A 206 5.78 6.07 -9.93
C MET A 206 5.93 7.58 -10.07
N ASN A 207 5.83 8.32 -8.97
CA ASN A 207 5.92 9.78 -9.01
C ASN A 207 7.25 10.19 -8.40
N VAL A 208 8.31 10.07 -9.22
CA VAL A 208 9.64 10.38 -8.73
C VAL A 208 9.79 11.84 -8.33
N PRO A 209 9.28 12.82 -9.11
CA PRO A 209 9.47 14.22 -8.71
C PRO A 209 8.79 14.59 -7.41
N ARG A 210 7.55 14.16 -7.20
CA ARG A 210 6.87 14.43 -5.95
C ARG A 210 7.66 13.86 -4.76
N VAL A 211 8.16 12.62 -4.89
CA VAL A 211 8.92 12.06 -3.77
C VAL A 211 10.19 12.86 -3.55
N GLU A 212 10.84 13.29 -4.65
CA GLU A 212 12.07 14.07 -4.53
C GLU A 212 11.82 15.43 -3.87
N ALA A 213 10.69 16.07 -4.18
CA ALA A 213 10.37 17.34 -3.54
C ALA A 213 10.13 17.16 -2.05
N ILE A 214 9.41 16.09 -1.69
CA ILE A 214 9.21 15.79 -0.28
C ILE A 214 10.57 15.59 0.40
N GLN A 215 11.43 14.77 -0.20
CA GLN A 215 12.70 14.46 0.44
C GLN A 215 13.53 15.70 0.65
N ASP A 216 13.50 16.60 -0.35
CA ASP A 216 14.19 17.88 -0.29
C ASP A 216 13.67 18.74 0.86
N THR A 217 12.35 18.81 1.02
CA THR A 217 11.81 19.51 2.17
C THR A 217 12.32 18.88 3.47
N ILE A 218 12.28 17.55 3.56
CA ILE A 218 12.76 16.90 4.77
C ILE A 218 14.21 17.27 5.03
N LEU A 219 15.05 17.24 4.00
CA LEU A 219 16.49 17.51 4.19
C LEU A 219 16.74 18.96 4.57
N ARG A 220 15.94 19.89 4.04
CA ARG A 220 16.07 21.28 4.49
C ARG A 220 15.69 21.41 5.95
N ALA A 221 14.59 20.76 6.36
CA ALA A 221 14.18 20.76 7.76
C ALA A 221 15.26 20.16 8.63
N LEU A 222 15.87 19.08 8.16
CA LEU A 222 16.91 18.44 8.94
C LEU A 222 18.13 19.35 9.06
N GLU A 223 18.57 19.98 7.97
CA GLU A 223 19.74 20.86 8.08
C GLU A 223 19.47 21.98 9.07
N PHE A 224 18.31 22.63 8.93
CA PHE A 224 17.93 23.67 9.89
C PHE A 224 17.95 23.13 11.32
N HIS A 225 17.27 22.00 11.53
CA HIS A 225 17.15 21.45 12.87
C HIS A 225 18.51 21.13 13.48
N LEU A 226 19.43 20.60 12.69
CA LEU A 226 20.77 20.31 13.17
C LEU A 226 21.51 21.60 13.54
N GLN A 227 21.35 22.66 12.72
CA GLN A 227 21.96 23.94 13.11
C GLN A 227 21.42 24.38 14.47
N ALA A 228 20.12 24.19 14.68
CA ALA A 228 19.51 24.70 15.90
C ALA A 228 19.79 23.82 17.10
N ASN A 229 19.96 22.52 16.89
CA ASN A 229 20.08 21.51 17.94
C ASN A 229 21.54 21.19 18.26
N HIS A 230 22.41 21.20 17.25
CA HIS A 230 23.82 20.85 17.42
C HIS A 230 24.66 22.03 16.94
N PRO A 231 24.59 23.17 17.63
CA PRO A 231 25.27 24.38 17.11
C PRO A 231 26.76 24.18 16.84
N ASP A 232 27.46 23.37 17.62
CA ASP A 232 28.84 23.03 17.26
C ASP A 232 28.87 21.76 16.41
N ALA A 233 27.98 21.70 15.41
CA ALA A 233 27.90 20.58 14.49
C ALA A 233 29.12 20.63 13.58
N GLN A 234 30.11 19.80 13.92
CA GLN A 234 31.29 19.67 13.02
C GLN A 234 30.84 18.89 11.77
N TYR A 235 30.16 19.54 11.12
CA TYR A 235 29.78 19.00 9.80
C TYR A 235 28.58 18.04 9.91
N LEU A 236 27.93 18.05 10.60
CA LEU A 236 27.02 16.97 10.94
C LEU A 236 26.09 16.62 9.78
N PHE A 237 25.54 17.62 9.08
CA PHE A 237 24.64 17.33 7.97
C PHE A 237 25.30 16.52 6.85
N PRO A 238 26.47 16.89 6.33
CA PRO A 238 27.16 16.00 5.34
C PRO A 238 27.52 14.63 5.89
N LYS A 239 27.91 14.55 7.16
CA LYS A 239 28.14 13.24 7.72
C LYS A 239 26.87 12.41 7.68
N LEU A 240 25.71 13.04 7.90
CA LEU A 240 24.47 12.28 7.89
C LEU A 240 24.10 11.84 6.47
N LEU A 241 24.34 12.70 5.48
CA LEU A 241 24.10 12.27 4.11
C LEU A 241 24.98 11.09 3.76
N GLN A 242 26.25 11.14 4.18
CA GLN A 242 27.13 10.00 3.99
C GLN A 242 26.58 8.75 4.73
N LYS A 243 26.04 8.93 5.94
CA LYS A 243 25.47 7.79 6.66
C LYS A 243 24.34 7.17 5.87
N MET A 244 23.55 8.00 5.16
CA MET A 244 22.52 7.45 4.26
C MET A 244 23.14 6.60 3.17
N ALA A 245 24.25 7.06 2.59
CA ALA A 245 24.91 6.19 1.60
C ALA A 245 25.40 4.89 2.26
N ASP A 246 25.98 5.01 3.46
CA ASP A 246 26.48 3.86 4.18
C ASP A 246 25.36 2.85 4.45
N LEU A 247 24.17 3.34 4.80
CA LEU A 247 23.08 2.42 5.09
C LEU A 247 22.65 1.69 3.83
N ARG A 248 22.69 2.36 2.70
CA ARG A 248 22.37 1.64 1.46
C ARG A 248 23.36 0.52 1.22
N GLN A 249 24.63 0.76 1.52
CA GLN A 249 25.61 -0.32 1.28
C GLN A 249 25.47 -1.44 2.32
N LEU A 250 25.12 -1.07 3.56
CA LEU A 250 24.85 -2.04 4.62
C LEU A 250 23.69 -2.95 4.26
N VAL A 251 22.62 -2.38 3.71
CA VAL A 251 21.46 -3.17 3.32
C VAL A 251 21.77 -4.04 2.10
N THR A 252 22.56 -3.53 1.15
CA THR A 252 22.95 -4.37 0.01
C THR A 252 23.68 -5.62 0.48
N GLU A 253 24.66 -5.43 1.38
CA GLU A 253 25.39 -6.56 1.94
C GLU A 253 24.45 -7.49 2.75
N HIS A 254 23.54 -6.91 3.54
CA HIS A 254 22.58 -7.70 4.28
C HIS A 254 21.73 -8.57 3.36
N ALA A 255 21.24 -8.00 2.24
CA ALA A 255 20.44 -8.75 1.28
C ALA A 255 21.27 -9.86 0.63
N GLN A 256 22.55 -9.60 0.37
CA GLN A 256 23.38 -10.70 -0.15
C GLN A 256 23.47 -11.85 0.86
N MET A 257 23.65 -11.51 2.14
CA MET A 257 23.69 -12.57 3.14
C MET A 257 22.37 -13.31 3.20
N MET A 258 21.27 -12.56 3.08
CA MET A 258 19.94 -13.19 3.09
C MET A 258 19.80 -14.14 1.92
N GLN A 259 20.27 -13.74 0.75
CA GLN A 259 20.21 -14.65 -0.40
C GLN A 259 21.00 -15.92 -0.10
N ARG A 260 22.14 -15.79 0.61
CA ARG A 260 22.91 -16.99 0.89
C ARG A 260 22.20 -17.88 1.90
N ILE A 261 21.48 -17.29 2.86
CA ILE A 261 20.68 -18.07 3.81
C ILE A 261 19.51 -18.73 3.11
N LYS A 262 18.89 -18.03 2.17
CA LYS A 262 17.82 -18.64 1.40
C LYS A 262 18.36 -19.83 0.62
N LYS A 263 19.56 -19.69 0.04
CA LYS A 263 20.11 -20.74 -0.79
C LYS A 263 20.58 -21.95 0.03
N THR A 264 21.27 -21.73 1.15
CA THR A 264 22.00 -22.78 1.84
C THR A 264 21.33 -23.30 3.11
N GLU A 265 20.48 -22.51 3.76
CA GLU A 265 19.74 -22.91 4.97
C GLU A 265 18.28 -23.22 4.65
N THR A 266 18.07 -24.25 3.85
CA THR A 266 16.74 -24.48 3.32
C THR A 266 15.74 -24.91 4.40
N GLU A 267 16.22 -25.34 5.56
CA GLU A 267 15.27 -25.61 6.63
C GLU A 267 14.80 -24.34 7.33
N THR A 268 15.38 -23.19 7.03
CA THR A 268 15.11 -21.94 7.73
C THR A 268 14.00 -21.21 6.98
N SER A 269 12.88 -20.97 7.66
CA SER A 269 11.79 -20.27 7.00
C SER A 269 11.93 -18.73 7.12
N LEU A 270 11.34 -18.04 6.14
CA LEU A 270 11.30 -16.59 6.06
C LEU A 270 9.85 -16.14 6.21
N HIS A 271 9.60 -15.19 7.09
CA HIS A 271 8.27 -14.61 7.23
C HIS A 271 7.78 -14.07 5.87
N PRO A 272 6.49 -14.24 5.55
CA PRO A 272 6.00 -13.83 4.21
C PRO A 272 6.26 -12.39 3.88
N LEU A 273 6.14 -11.48 4.85
CA LEU A 273 6.41 -10.08 4.57
C LEU A 273 7.87 -9.85 4.16
N LEU A 274 8.80 -10.54 4.84
CA LEU A 274 10.22 -10.43 4.50
C LEU A 274 10.51 -11.09 3.17
N GLN A 275 9.81 -12.16 2.84
CA GLN A 275 9.88 -12.71 1.49
C GLN A 275 9.52 -11.66 0.45
N GLU A 276 8.38 -10.97 0.63
CA GLU A 276 7.96 -9.96 -0.35
C GLU A 276 8.98 -8.83 -0.42
N ILE A 277 9.51 -8.40 0.72
CA ILE A 277 10.48 -7.30 0.71
C ILE A 277 11.74 -7.70 -0.03
N TYR A 278 12.21 -8.92 0.20
CA TYR A 278 13.48 -9.39 -0.37
C TYR A 278 13.34 -9.83 -1.82
N LYS A 279 12.13 -10.14 -2.28
CA LYS A 279 11.94 -10.49 -3.67
C LYS A 279 12.62 -9.44 -4.55
N ASP A 280 13.51 -9.91 -5.43
CA ASP A 280 14.33 -9.05 -6.28
C ASP A 280 15.41 -8.33 -5.46
N GLY B 12 -25.03 -14.01 13.11
CA GLY B 12 -26.08 -14.34 12.16
C GLY B 12 -26.73 -13.12 11.52
N SER B 13 -28.06 -13.19 11.41
CA SER B 13 -28.86 -12.06 10.94
C SER B 13 -28.75 -10.91 11.93
N ALA B 14 -28.86 -9.70 11.40
CA ALA B 14 -28.64 -8.46 12.13
C ALA B 14 -27.15 -8.16 12.31
N ASP B 15 -26.31 -9.19 12.40
CA ASP B 15 -24.89 -8.96 12.14
C ASP B 15 -24.70 -8.66 10.67
N LEU B 16 -25.32 -9.50 9.83
CA LEU B 16 -25.25 -9.33 8.40
C LEU B 16 -25.99 -8.06 7.98
N LYS B 17 -27.08 -7.73 8.67
CA LYS B 17 -27.80 -6.49 8.35
C LYS B 17 -26.94 -5.26 8.64
N ALA B 18 -26.31 -5.24 9.82
CA ALA B 18 -25.44 -4.12 10.15
C ALA B 18 -24.25 -4.04 9.20
N PHE B 19 -23.66 -5.18 8.88
CA PHE B 19 -22.54 -5.21 7.94
C PHE B 19 -22.94 -4.64 6.57
N SER B 20 -24.06 -5.10 6.02
CA SER B 20 -24.56 -4.57 4.77
C SER B 20 -24.75 -3.05 4.85
N LYS B 21 -25.31 -2.55 5.96
CA LYS B 21 -25.52 -1.12 6.11
C LYS B 21 -24.21 -0.34 6.15
N HIS B 22 -23.24 -0.80 6.95
CA HIS B 22 -21.94 -0.16 6.96
C HIS B 22 -21.35 -0.11 5.54
N ILE B 23 -21.39 -1.24 4.80
CA ILE B 23 -20.75 -1.25 3.51
C ILE B 23 -21.45 -0.26 2.57
N TYR B 24 -22.79 -0.22 2.62
CA TYR B 24 -23.58 0.73 1.85
C TYR B 24 -23.23 2.17 2.21
N ASN B 25 -23.08 2.48 3.49
CA ASN B 25 -22.74 3.84 3.88
C ASN B 25 -21.37 4.26 3.33
N ALA B 26 -20.38 3.36 3.38
CA ALA B 26 -19.07 3.71 2.83
C ALA B 26 -19.17 3.91 1.31
N TYR B 27 -20.00 3.11 0.66
CA TYR B 27 -20.20 3.25 -0.76
C TYR B 27 -20.79 4.61 -1.09
N LEU B 28 -21.84 5.00 -0.37
CA LEU B 28 -22.41 6.34 -0.58
C LEU B 28 -21.45 7.45 -0.20
N LYS B 29 -20.56 7.20 0.77
CA LYS B 29 -19.58 8.23 1.14
C LYS B 29 -18.54 8.42 0.04
N ASN B 30 -18.23 7.39 -0.75
CA ASN B 30 -17.04 7.46 -1.58
C ASN B 30 -17.31 7.55 -3.07
N PHE B 31 -18.54 7.29 -3.52
CA PHE B 31 -18.81 7.35 -4.95
C PHE B 31 -19.76 8.52 -5.22
N ASN B 32 -19.25 9.51 -5.98
CA ASN B 32 -20.01 10.70 -6.33
C ASN B 32 -21.26 10.34 -7.10
N MET B 33 -21.14 9.41 -8.03
CA MET B 33 -22.25 9.02 -8.86
C MET B 33 -22.76 7.68 -8.35
N THR B 34 -24.02 7.66 -7.91
CA THR B 34 -24.72 6.44 -7.55
C THR B 34 -25.64 6.02 -8.69
N LYS B 35 -26.08 4.76 -8.64
CA LYS B 35 -27.02 4.28 -9.66
C LYS B 35 -28.35 5.04 -9.54
N LYS B 36 -28.81 5.29 -8.32
CA LYS B 36 -29.97 6.13 -8.09
C LYS B 36 -29.85 7.46 -8.86
N LYS B 37 -28.82 8.24 -8.54
CA LYS B 37 -28.61 9.52 -9.23
C LYS B 37 -28.52 9.34 -10.76
N ALA B 38 -27.74 8.35 -11.22
CA ALA B 38 -27.55 8.14 -12.65
C ALA B 38 -28.88 7.84 -13.35
N ARG B 39 -29.70 6.95 -12.78
CA ARG B 39 -30.99 6.64 -13.38
C ARG B 39 -31.88 7.86 -13.39
N SER B 40 -31.81 8.68 -12.34
CA SER B 40 -32.60 9.89 -12.34
C SER B 40 -32.18 10.82 -13.48
N ILE B 41 -30.87 10.91 -13.76
CA ILE B 41 -30.41 11.70 -14.90
C ILE B 41 -30.87 11.10 -16.22
N LEU B 42 -30.71 9.78 -16.39
CA LEU B 42 -31.06 9.11 -17.64
C LEU B 42 -32.55 9.11 -17.93
N THR B 43 -33.37 9.47 -16.94
CA THR B 43 -34.81 9.64 -17.10
C THR B 43 -35.12 11.03 -16.55
N GLY B 44 -36.39 11.29 -16.24
CA GLY B 44 -36.77 12.49 -15.50
C GLY B 44 -36.20 13.77 -16.12
N ALA B 50 -30.72 18.24 -18.04
CA ALA B 50 -30.32 17.14 -18.93
C ALA B 50 -28.84 17.26 -19.27
N PRO B 51 -28.19 16.12 -19.48
CA PRO B 51 -26.78 16.15 -19.84
C PRO B 51 -26.56 16.55 -21.30
N PHE B 52 -25.39 17.13 -21.54
CA PHE B 52 -24.98 17.50 -22.90
C PHE B 52 -24.70 16.23 -23.68
N VAL B 53 -25.35 16.07 -24.82
CA VAL B 53 -25.16 14.86 -25.61
C VAL B 53 -23.95 15.02 -26.53
N ILE B 54 -23.02 14.08 -26.40
CA ILE B 54 -21.81 14.05 -27.21
C ILE B 54 -21.99 12.88 -28.17
N HIS B 55 -22.14 13.19 -29.47
CA HIS B 55 -22.35 12.14 -30.46
C HIS B 55 -21.50 12.29 -31.71
N ASP B 56 -20.62 13.28 -31.77
CA ASP B 56 -19.77 13.52 -32.94
C ASP B 56 -18.67 14.50 -32.54
N ILE B 57 -17.79 14.80 -33.51
CA ILE B 57 -16.63 15.62 -33.21
C ILE B 57 -17.05 17.00 -32.75
N GLU B 58 -18.15 17.53 -33.31
CA GLU B 58 -18.50 18.91 -33.03
C GLU B 58 -19.01 19.05 -31.60
N THR B 59 -19.93 18.18 -31.21
CA THR B 59 -20.40 18.20 -29.83
C THR B 59 -19.30 17.85 -28.84
N LEU B 60 -18.35 17.01 -29.22
CA LEU B 60 -17.21 16.74 -28.32
C LEU B 60 -16.40 18.00 -28.09
N TRP B 61 -16.12 18.75 -29.19
CA TRP B 61 -15.40 20.01 -29.08
C TRP B 61 -16.18 21.00 -28.22
N GLN B 62 -17.49 21.11 -28.41
CA GLN B 62 -18.29 21.98 -27.54
C GLN B 62 -18.17 21.56 -26.09
N ALA B 63 -18.24 20.26 -25.81
CA ALA B 63 -18.15 19.79 -24.44
C ALA B 63 -16.81 20.19 -23.83
N GLU B 64 -15.74 20.01 -24.60
CA GLU B 64 -14.40 20.36 -24.15
C GLU B 64 -14.17 21.86 -24.03
N LYS B 65 -15.00 22.68 -24.66
CA LYS B 65 -14.73 24.11 -24.71
C LYS B 65 -15.46 24.86 -23.61
N GLY B 66 -15.59 24.25 -22.44
CA GLY B 66 -16.36 24.83 -21.36
C GLY B 66 -17.70 24.17 -21.09
N LEU B 67 -18.38 23.66 -22.13
CA LEU B 67 -19.74 23.16 -21.90
C LEU B 67 -19.79 22.05 -20.83
N VAL B 68 -19.02 20.98 -21.02
CA VAL B 68 -18.99 19.90 -20.04
C VAL B 68 -17.77 20.01 -19.15
N TRP B 69 -16.60 20.26 -19.73
CA TRP B 69 -15.35 20.38 -18.99
C TRP B 69 -14.78 21.79 -18.91
N GLY B 75 -5.45 18.99 -18.19
CA GLY B 75 -4.97 17.88 -17.35
C GLY B 75 -4.45 16.69 -18.17
N LEU B 76 -4.70 16.72 -19.46
CA LEU B 76 -4.46 15.63 -20.39
C LEU B 76 -3.10 15.76 -21.05
N PRO B 77 -2.57 14.66 -21.57
CA PRO B 77 -1.32 14.73 -22.34
C PRO B 77 -1.57 15.48 -23.64
N PRO B 78 -0.51 15.87 -24.34
CA PRO B 78 -0.68 16.65 -25.57
C PRO B 78 -1.64 15.99 -26.56
N TYR B 79 -2.39 16.84 -27.25
CA TYR B 79 -3.36 16.37 -28.24
C TYR B 79 -2.70 15.62 -29.38
N LYS B 80 -3.30 14.49 -29.79
CA LYS B 80 -2.87 13.74 -30.97
C LYS B 80 -3.95 13.61 -32.03
N GLU B 81 -5.16 13.21 -31.65
CA GLU B 81 -6.26 12.98 -32.59
C GLU B 81 -7.48 12.66 -31.74
N ILE B 82 -8.65 12.62 -32.40
CA ILE B 82 -9.94 12.48 -31.69
C ILE B 82 -9.98 11.18 -30.86
N SER B 83 -9.65 10.04 -31.48
CA SER B 83 -9.74 8.75 -30.78
C SER B 83 -8.81 8.66 -29.58
N VAL B 84 -7.58 9.18 -29.71
CA VAL B 84 -6.66 9.18 -28.60
C VAL B 84 -7.11 10.17 -27.51
N HIS B 85 -7.66 11.32 -27.91
CA HIS B 85 -8.23 12.25 -26.93
C HIS B 85 -9.29 11.57 -26.07
N VAL B 86 -10.20 10.83 -26.71
CA VAL B 86 -11.26 10.10 -26.01
C VAL B 86 -10.64 9.05 -25.09
N PHE B 87 -9.60 8.35 -25.59
CA PHE B 87 -8.90 7.36 -24.79
C PHE B 87 -8.29 7.99 -23.54
N TYR B 88 -7.75 9.19 -23.68
CA TYR B 88 -7.19 9.91 -22.55
C TYR B 88 -8.25 10.28 -21.53
N ARG B 89 -9.42 10.75 -22.00
CA ARG B 89 -10.50 11.06 -21.06
C ARG B 89 -10.97 9.82 -20.32
N CYS B 90 -11.00 8.67 -21.00
CA CYS B 90 -11.30 7.41 -20.35
C CYS B 90 -10.25 7.09 -19.28
N GLN B 91 -8.98 7.28 -19.59
CA GLN B 91 -7.96 6.99 -18.60
C GLN B 91 -8.15 7.88 -17.37
N CYS B 92 -8.46 9.17 -17.58
CA CYS B 92 -8.63 10.08 -16.44
C CYS B 92 -9.82 9.66 -15.59
N THR B 93 -10.92 9.29 -16.23
CA THR B 93 -12.06 8.75 -15.48
C THR B 93 -11.63 7.54 -14.66
N THR B 94 -10.85 6.65 -15.25
CA THR B 94 -10.49 5.42 -14.56
C THR B 94 -9.61 5.70 -13.37
N VAL B 95 -8.65 6.60 -13.50
CA VAL B 95 -7.79 6.94 -12.38
C VAL B 95 -8.62 7.52 -11.23
N GLU B 96 -9.57 8.41 -11.55
CA GLU B 96 -10.45 8.93 -10.51
C GLU B 96 -11.27 7.82 -9.84
N THR B 97 -11.82 6.89 -10.63
CA THR B 97 -12.60 5.82 -10.01
C THR B 97 -11.72 4.91 -9.17
N VAL B 98 -10.46 4.71 -9.57
CA VAL B 98 -9.53 3.92 -8.75
C VAL B 98 -9.29 4.59 -7.40
N ARG B 99 -9.11 5.92 -7.40
CA ARG B 99 -8.97 6.64 -6.14
C ARG B 99 -10.17 6.42 -5.24
N GLU B 100 -11.37 6.54 -5.82
CA GLU B 100 -12.57 6.35 -5.02
C GLU B 100 -12.66 4.91 -4.50
N LEU B 101 -12.32 3.92 -5.34
CA LEU B 101 -12.39 2.52 -4.94
C LEU B 101 -11.40 2.22 -3.82
N THR B 102 -10.24 2.86 -3.85
CA THR B 102 -9.26 2.71 -2.78
C THR B 102 -9.78 3.26 -1.47
N GLU B 103 -10.38 4.45 -1.49
CA GLU B 103 -10.98 4.97 -0.27
C GLU B 103 -12.11 4.06 0.21
N PHE B 104 -12.94 3.59 -0.72
CA PHE B 104 -14.02 2.68 -0.38
C PHE B 104 -13.47 1.44 0.32
N ALA B 105 -12.45 0.80 -0.26
CA ALA B 105 -11.92 -0.43 0.32
C ALA B 105 -11.31 -0.17 1.69
N LYS B 106 -10.68 0.98 1.87
CA LYS B 106 -10.12 1.23 3.19
C LYS B 106 -11.22 1.28 4.27
N SER B 107 -12.42 1.71 3.92
CA SER B 107 -13.54 1.74 4.86
C SER B 107 -14.19 0.38 5.04
N ILE B 108 -13.65 -0.67 4.42
CA ILE B 108 -14.19 -2.02 4.53
C ILE B 108 -13.49 -2.67 5.71
N PRO B 109 -14.21 -3.17 6.71
CA PRO B 109 -13.61 -3.38 8.03
C PRO B 109 -12.24 -4.06 8.09
N SER B 110 -12.11 -5.30 7.61
CA SER B 110 -10.82 -5.97 7.71
C SER B 110 -9.85 -5.63 6.58
N PHE B 111 -10.28 -4.90 5.56
CA PHE B 111 -9.34 -4.56 4.51
C PHE B 111 -8.14 -3.80 5.05
N SER B 112 -8.34 -2.83 5.96
CA SER B 112 -7.20 -2.05 6.44
C SER B 112 -6.30 -2.81 7.40
N SER B 113 -6.72 -3.95 7.94
CA SER B 113 -5.85 -4.76 8.78
C SER B 113 -4.88 -5.60 7.97
N LEU B 114 -5.09 -5.72 6.65
CA LEU B 114 -4.11 -6.40 5.82
C LEU B 114 -2.84 -5.59 5.72
N PHE B 115 -1.73 -6.27 5.44
CA PHE B 115 -0.50 -5.57 5.11
C PHE B 115 -0.68 -4.69 3.86
N LEU B 116 0.02 -3.55 3.86
CA LEU B 116 -0.23 -2.58 2.79
C LEU B 116 -0.01 -3.18 1.40
N ASN B 117 0.98 -4.08 1.26
CA ASN B 117 1.24 -4.70 -0.03
C ASN B 117 0.13 -5.64 -0.44
N ASP B 118 -0.49 -6.35 0.52
CA ASP B 118 -1.68 -7.13 0.19
C ASP B 118 -2.84 -6.24 -0.25
N GLN B 119 -3.05 -5.11 0.44
CA GLN B 119 -4.03 -4.14 -0.01
C GLN B 119 -3.81 -3.73 -1.46
N VAL B 120 -2.55 -3.45 -1.79
CA VAL B 120 -2.22 -3.00 -3.13
C VAL B 120 -2.48 -4.11 -4.13
N THR B 121 -2.09 -5.34 -3.80
CA THR B 121 -2.32 -6.47 -4.70
C THR B 121 -3.81 -6.62 -5.02
N LEU B 122 -4.66 -6.47 -4.00
CA LEU B 122 -6.11 -6.61 -4.19
C LEU B 122 -6.67 -5.52 -5.07
N LEU B 123 -6.23 -4.28 -4.83
CA LEU B 123 -6.66 -3.20 -5.69
C LEU B 123 -6.19 -3.41 -7.12
N LYS B 124 -4.92 -3.80 -7.27
CA LYS B 124 -4.36 -3.96 -8.61
C LYS B 124 -5.18 -4.92 -9.44
N TYR B 125 -5.54 -6.08 -8.86
CA TYR B 125 -6.30 -7.04 -9.65
C TYR B 125 -7.80 -6.90 -9.56
N GLY B 126 -8.31 -6.04 -8.68
CA GLY B 126 -9.75 -5.91 -8.54
C GLY B 126 -10.36 -4.64 -9.11
N VAL B 127 -9.59 -3.56 -9.29
CA VAL B 127 -10.22 -2.28 -9.63
C VAL B 127 -10.96 -2.34 -10.95
N HIS B 128 -10.38 -2.99 -11.98
CA HIS B 128 -11.05 -2.95 -13.27
C HIS B 128 -12.32 -3.80 -13.27
N GLU B 129 -12.31 -4.94 -12.60
CA GLU B 129 -13.56 -5.69 -12.42
C GLU B 129 -14.61 -4.83 -11.73
N ALA B 130 -14.23 -4.14 -10.66
CA ALA B 130 -15.17 -3.24 -10.02
C ALA B 130 -15.58 -2.10 -10.96
N ILE B 131 -14.64 -1.52 -11.71
CA ILE B 131 -14.99 -0.41 -12.60
C ILE B 131 -16.02 -0.87 -13.61
N PHE B 132 -15.79 -2.02 -14.24
CA PHE B 132 -16.74 -2.49 -15.25
C PHE B 132 -18.12 -2.81 -14.64
N ALA B 133 -18.14 -3.35 -13.43
CA ALA B 133 -19.43 -3.55 -12.74
C ALA B 133 -20.14 -2.20 -12.49
N MET B 134 -19.43 -1.21 -11.95
CA MET B 134 -20.06 0.08 -11.66
C MET B 134 -20.39 0.86 -12.93
N LEU B 135 -19.74 0.56 -14.05
CA LEU B 135 -20.03 1.26 -15.29
C LEU B 135 -21.49 1.08 -15.70
N ALA B 136 -22.06 -0.10 -15.41
CA ALA B 136 -23.44 -0.35 -15.81
C ALA B 136 -24.39 0.65 -15.15
N SER B 137 -24.01 1.16 -13.98
CA SER B 137 -24.85 2.16 -13.33
C SER B 137 -25.03 3.42 -14.19
N ILE B 138 -24.06 3.75 -15.04
CA ILE B 138 -24.17 4.97 -15.85
C ILE B 138 -24.36 4.66 -17.33
N VAL B 139 -24.71 3.42 -17.67
CA VAL B 139 -24.84 3.00 -19.05
C VAL B 139 -26.29 2.64 -19.36
N ASN B 140 -26.74 2.99 -20.55
CA ASN B 140 -27.89 2.29 -21.11
C ASN B 140 -27.56 1.83 -22.52
N LYS B 141 -28.56 1.33 -23.24
CA LYS B 141 -28.39 0.86 -24.60
C LYS B 141 -27.64 1.86 -25.46
N ASP B 142 -27.86 3.14 -25.22
CA ASP B 142 -27.54 4.20 -26.17
C ASP B 142 -26.26 4.98 -25.86
N GLY B 143 -25.70 4.86 -24.67
CA GLY B 143 -24.51 5.61 -24.35
C GLY B 143 -24.26 5.62 -22.86
N LEU B 144 -23.42 6.56 -22.42
CA LEU B 144 -23.05 6.57 -21.02
C LEU B 144 -22.84 7.97 -20.51
N LEU B 145 -23.12 8.15 -19.23
CA LEU B 145 -22.89 9.43 -18.56
C LEU B 145 -21.41 9.66 -18.37
N VAL B 146 -21.00 10.91 -18.62
CA VAL B 146 -19.63 11.33 -18.38
C VAL B 146 -19.64 12.61 -17.56
N ALA B 147 -18.48 12.89 -16.97
CA ALA B 147 -18.24 14.12 -16.25
C ALA B 147 -19.28 14.29 -15.14
N ASN B 148 -19.44 13.24 -14.35
CA ASN B 148 -20.33 13.28 -13.21
C ASN B 148 -21.76 13.59 -13.64
N GLY B 149 -22.18 12.99 -14.75
CA GLY B 149 -23.54 13.14 -15.24
C GLY B 149 -23.77 14.41 -16.06
N SER B 150 -22.71 15.21 -16.27
CA SER B 150 -22.84 16.45 -17.03
C SER B 150 -22.96 16.19 -18.52
N GLY B 151 -22.44 15.05 -18.99
CA GLY B 151 -22.49 14.72 -20.40
C GLY B 151 -23.02 13.31 -20.57
N PHE B 152 -23.37 13.00 -21.80
CA PHE B 152 -23.82 11.66 -22.19
C PHE B 152 -23.20 11.39 -23.54
N VAL B 153 -22.30 10.42 -23.62
CA VAL B 153 -21.61 10.06 -24.87
C VAL B 153 -22.34 8.89 -25.50
N THR B 154 -22.72 9.02 -26.76
CA THR B 154 -23.50 7.97 -27.39
C THR B 154 -22.63 6.77 -27.74
N ARG B 155 -23.24 5.60 -27.60
CA ARG B 155 -22.59 4.35 -28.01
C ARG B 155 -22.19 4.42 -29.47
N GLU B 156 -23.02 5.07 -30.29
CA GLU B 156 -22.74 5.22 -31.70
C GLU B 156 -21.43 5.98 -31.95
N PHE B 157 -21.24 7.09 -31.22
CA PHE B 157 -20.00 7.86 -31.39
C PHE B 157 -18.77 7.03 -31.06
N LEU B 158 -18.81 6.26 -29.97
CA LEU B 158 -17.68 5.42 -29.59
C LEU B 158 -17.45 4.32 -30.61
N ARG B 159 -18.53 3.80 -31.21
CA ARG B 159 -18.40 2.84 -32.31
C ARG B 159 -17.72 3.50 -33.51
N SER B 160 -17.86 4.81 -33.64
CA SER B 160 -17.30 5.53 -34.77
C SER B 160 -15.81 5.83 -34.62
N LEU B 161 -15.21 5.65 -33.45
CA LEU B 161 -13.78 5.94 -33.33
C LEU B 161 -12.97 4.93 -34.14
N ARG B 162 -11.78 5.36 -34.58
CA ARG B 162 -10.99 4.45 -35.40
C ARG B 162 -10.48 3.36 -34.48
N LYS B 163 -10.28 2.17 -35.03
CA LYS B 163 -10.03 1.33 -33.92
C LYS B 163 -8.93 0.29 -33.96
N PRO B 164 -8.14 0.25 -32.91
CA PRO B 164 -8.46 -0.67 -31.78
C PRO B 164 -9.22 0.08 -30.68
N PHE B 165 -9.47 1.39 -30.85
CA PHE B 165 -10.05 2.20 -29.79
C PHE B 165 -11.55 1.98 -29.64
N SER B 166 -12.30 1.81 -30.72
CA SER B 166 -13.71 1.47 -30.52
C SER B 166 -13.93 0.01 -30.13
N ASP B 167 -13.00 -0.88 -30.45
CA ASP B 167 -13.08 -2.27 -30.00
C ASP B 167 -13.03 -2.39 -28.49
N ILE B 168 -12.31 -1.48 -27.87
CA ILE B 168 -12.04 -1.54 -26.45
C ILE B 168 -13.31 -1.34 -25.64
N ILE B 169 -14.17 -0.44 -26.09
CA ILE B 169 -15.33 0.04 -25.34
C ILE B 169 -16.60 -0.82 -25.49
N GLU B 170 -16.89 -1.35 -26.69
CA GLU B 170 -18.17 -2.02 -26.95
C GLU B 170 -18.43 -3.25 -26.05
N PRO B 171 -17.46 -4.13 -25.77
CA PRO B 171 -17.75 -5.24 -24.86
C PRO B 171 -18.23 -4.79 -23.50
N LYS B 172 -17.81 -3.59 -23.06
CA LYS B 172 -18.29 -3.06 -21.78
C LYS B 172 -19.79 -2.75 -21.85
N PHE B 173 -20.24 -2.18 -22.96
CA PHE B 173 -21.68 -2.01 -23.12
C PHE B 173 -22.38 -3.37 -23.11
N GLU B 174 -21.84 -4.34 -23.84
CA GLU B 174 -22.50 -5.64 -23.90
C GLU B 174 -22.61 -6.26 -22.51
N PHE B 175 -21.55 -6.15 -21.71
CA PHE B 175 -21.65 -6.62 -20.33
C PHE B 175 -22.69 -5.81 -19.54
N ALA B 176 -22.70 -4.48 -19.71
CA ALA B 176 -23.50 -3.62 -18.85
C ALA B 176 -24.99 -3.83 -19.07
N VAL B 177 -25.42 -3.95 -20.32
CA VAL B 177 -26.87 -4.07 -20.53
C VAL B 177 -27.39 -5.37 -19.91
N LYS B 178 -26.64 -6.47 -20.06
CA LYS B 178 -27.02 -7.71 -19.40
C LYS B 178 -26.94 -7.58 -17.87
N PHE B 179 -25.98 -6.83 -17.34
CA PHE B 179 -25.87 -6.71 -15.89
C PHE B 179 -27.02 -5.90 -15.32
N ASN B 180 -27.41 -4.83 -16.03
CA ASN B 180 -28.54 -3.97 -15.66
C ASN B 180 -29.86 -4.72 -15.74
N ALA B 181 -29.95 -5.76 -16.58
CA ALA B 181 -31.14 -6.61 -16.54
C ALA B 181 -31.36 -7.23 -15.16
N LEU B 182 -30.30 -7.38 -14.36
CA LEU B 182 -30.47 -7.93 -13.01
C LEU B 182 -31.09 -6.92 -12.05
N GLU B 183 -31.06 -5.62 -12.36
CA GLU B 183 -31.83 -4.63 -11.59
C GLU B 183 -31.37 -4.54 -10.12
N LEU B 184 -30.06 -4.52 -9.91
CA LEU B 184 -29.51 -4.28 -8.58
C LEU B 184 -29.70 -2.82 -8.19
N ASP B 185 -29.71 -2.54 -6.87
CA ASP B 185 -29.69 -1.17 -6.38
C ASP B 185 -28.35 -0.89 -5.71
N ASP B 186 -28.17 0.36 -5.26
CA ASP B 186 -26.86 0.76 -4.76
C ASP B 186 -26.48 -0.06 -3.55
N SER B 187 -27.45 -0.35 -2.69
CA SER B 187 -27.15 -1.15 -1.50
C SER B 187 -26.65 -2.54 -1.90
N ASP B 188 -27.18 -3.13 -2.96
CA ASP B 188 -26.65 -4.41 -3.42
C ASP B 188 -25.25 -4.25 -3.99
N LEU B 189 -25.07 -3.22 -4.81
CA LEU B 189 -23.81 -2.99 -5.50
C LEU B 189 -22.68 -2.78 -4.53
N ALA B 190 -22.93 -2.07 -3.43
CA ALA B 190 -21.85 -1.81 -2.49
C ALA B 190 -21.20 -3.13 -2.05
N LEU B 191 -22.04 -4.09 -1.68
CA LEU B 191 -21.57 -5.42 -1.29
C LEU B 191 -20.94 -6.14 -2.48
N PHE B 192 -21.54 -6.01 -3.67
CA PHE B 192 -20.94 -6.65 -4.83
C PHE B 192 -19.51 -6.16 -5.10
N ILE B 193 -19.30 -4.85 -5.07
CA ILE B 193 -17.97 -4.27 -5.26
C ILE B 193 -17.02 -4.72 -4.16
N ALA B 194 -17.49 -4.66 -2.90
CA ALA B 194 -16.66 -5.13 -1.81
C ALA B 194 -16.21 -6.58 -2.03
N ALA B 195 -17.13 -7.45 -2.49
CA ALA B 195 -16.75 -8.84 -2.70
C ALA B 195 -15.75 -8.98 -3.83
N ILE B 196 -15.83 -8.10 -4.83
CA ILE B 196 -14.86 -8.10 -5.92
C ILE B 196 -13.46 -7.73 -5.43
N ILE B 197 -13.34 -6.71 -4.59
CA ILE B 197 -12.01 -6.29 -4.13
C ILE B 197 -11.38 -7.36 -3.26
N LEU B 198 -12.16 -7.94 -2.32
CA LEU B 198 -11.67 -8.94 -1.36
C LEU B 198 -11.73 -10.35 -1.95
N CYS B 199 -10.86 -10.61 -2.92
CA CYS B 199 -10.84 -11.85 -3.66
C CYS B 199 -9.57 -12.61 -3.34
N GLY B 200 -9.71 -13.85 -2.87
CA GLY B 200 -8.57 -14.64 -2.41
C GLY B 200 -7.68 -15.18 -3.51
N ASP B 201 -8.11 -15.11 -4.78
CA ASP B 201 -7.37 -15.73 -5.88
C ASP B 201 -6.28 -14.85 -6.46
N ARG B 202 -6.13 -13.60 -6.02
CA ARG B 202 -5.25 -12.69 -6.74
C ARG B 202 -3.81 -13.20 -6.64
N PRO B 203 -3.07 -13.18 -7.74
CA PRO B 203 -1.67 -13.65 -7.70
C PRO B 203 -0.84 -12.81 -6.72
N GLY B 204 0.09 -13.49 -6.04
CA GLY B 204 1.02 -12.81 -5.16
C GLY B 204 0.44 -12.38 -3.82
N LEU B 205 -0.80 -12.76 -3.55
CA LEU B 205 -1.45 -12.43 -2.29
C LEU B 205 -0.80 -13.19 -1.15
N MET B 206 -0.60 -12.50 -0.04
CA MET B 206 0.15 -12.98 1.11
C MET B 206 -0.73 -13.68 2.13
N ASN B 207 -1.83 -13.07 2.53
CA ASN B 207 -2.67 -13.70 3.54
C ASN B 207 -3.96 -14.15 2.87
N VAL B 208 -3.86 -15.26 2.14
CA VAL B 208 -5.00 -15.79 1.39
C VAL B 208 -6.13 -16.13 2.33
N PRO B 209 -5.90 -16.77 3.49
CA PRO B 209 -7.01 -17.12 4.38
C PRO B 209 -7.73 -15.92 4.96
N ARG B 210 -7.03 -14.88 5.42
CA ARG B 210 -7.76 -13.70 5.89
C ARG B 210 -8.67 -13.15 4.81
N VAL B 211 -8.14 -13.01 3.58
CA VAL B 211 -8.94 -12.39 2.53
C VAL B 211 -10.15 -13.24 2.20
N GLU B 212 -9.96 -14.57 2.18
CA GLU B 212 -11.09 -15.45 1.88
C GLU B 212 -12.15 -15.36 2.97
N ALA B 213 -11.74 -15.25 4.23
CA ALA B 213 -12.72 -15.13 5.32
C ALA B 213 -13.48 -13.82 5.23
N ILE B 214 -12.77 -12.72 4.92
CA ILE B 214 -13.45 -11.45 4.73
C ILE B 214 -14.47 -11.56 3.60
N GLN B 215 -14.04 -12.14 2.47
CA GLN B 215 -14.96 -12.28 1.33
C GLN B 215 -16.16 -13.14 1.71
N ASP B 216 -15.93 -14.20 2.47
CA ASP B 216 -17.01 -15.07 2.87
C ASP B 216 -18.07 -14.30 3.69
N THR B 217 -17.62 -13.46 4.63
CA THR B 217 -18.57 -12.60 5.35
C THR B 217 -19.31 -11.63 4.40
N ILE B 218 -18.59 -11.00 3.47
CA ILE B 218 -19.25 -10.06 2.55
C ILE B 218 -20.33 -10.78 1.74
N LEU B 219 -20.02 -11.96 1.19
CA LEU B 219 -20.98 -12.68 0.37
C LEU B 219 -22.16 -13.20 1.20
N ARG B 220 -21.91 -13.63 2.43
CA ARG B 220 -23.04 -14.01 3.26
C ARG B 220 -23.94 -12.81 3.52
N ALA B 221 -23.34 -11.64 3.81
CA ALA B 221 -24.14 -10.43 3.96
C ALA B 221 -24.93 -10.13 2.70
N LEU B 222 -24.33 -10.36 1.54
CA LEU B 222 -25.01 -10.09 0.28
C LEU B 222 -26.21 -11.03 0.07
N GLU B 223 -26.05 -12.32 0.36
CA GLU B 223 -27.17 -13.28 0.29
C GLU B 223 -28.32 -12.85 1.20
N PHE B 224 -27.99 -12.49 2.46
CA PHE B 224 -29.02 -11.95 3.34
C PHE B 224 -29.66 -10.69 2.75
N HIS B 225 -28.84 -9.71 2.39
CA HIS B 225 -29.33 -8.43 1.91
C HIS B 225 -30.22 -8.57 0.69
N LEU B 226 -29.84 -9.46 -0.23
CA LEU B 226 -30.67 -9.70 -1.41
C LEU B 226 -32.02 -10.27 -1.02
N GLN B 227 -32.06 -11.22 -0.06
CA GLN B 227 -33.36 -11.75 0.32
C GLN B 227 -34.28 -10.63 0.74
N ALA B 228 -33.79 -9.78 1.64
CA ALA B 228 -34.53 -8.67 2.22
C ALA B 228 -34.83 -7.55 1.21
N ASN B 229 -34.30 -7.65 0.00
CA ASN B 229 -34.58 -6.64 -1.02
C ASN B 229 -35.38 -7.08 -2.24
N HIS B 230 -35.04 -8.24 -2.81
CA HIS B 230 -35.62 -8.64 -4.12
C HIS B 230 -36.69 -9.72 -4.01
N PRO B 231 -37.86 -9.53 -4.65
CA PRO B 231 -38.84 -10.62 -4.65
C PRO B 231 -38.38 -11.89 -4.04
N ASP B 232 -37.73 -12.73 -4.85
CA ASP B 232 -37.13 -14.00 -4.32
C ASP B 232 -35.63 -13.80 -4.17
N ALA B 233 -34.92 -13.56 -5.28
CA ALA B 233 -33.45 -13.30 -5.27
C ALA B 233 -32.64 -14.55 -4.87
N GLN B 234 -33.30 -15.70 -4.71
CA GLN B 234 -32.53 -16.95 -4.42
C GLN B 234 -31.77 -17.36 -5.67
N TYR B 235 -32.24 -16.92 -6.85
CA TYR B 235 -31.52 -17.20 -8.12
C TYR B 235 -30.55 -16.05 -8.41
N LEU B 236 -30.88 -14.85 -7.96
CA LEU B 236 -30.03 -13.66 -8.23
C LEU B 236 -28.64 -13.89 -7.62
N PHE B 237 -28.58 -14.39 -6.38
CA PHE B 237 -27.27 -14.54 -5.72
C PHE B 237 -26.32 -15.38 -6.60
N PRO B 238 -26.61 -16.65 -6.95
CA PRO B 238 -25.71 -17.38 -7.86
C PRO B 238 -25.45 -16.64 -9.17
N LYS B 239 -26.45 -15.94 -9.73
CA LYS B 239 -26.19 -15.17 -10.95
C LYS B 239 -25.12 -14.12 -10.68
N LEU B 240 -25.18 -13.46 -9.51
CA LEU B 240 -24.16 -12.48 -9.18
C LEU B 240 -22.79 -13.14 -9.05
N LEU B 241 -22.75 -14.32 -8.45
CA LEU B 241 -21.48 -15.04 -8.36
C LEU B 241 -20.96 -15.32 -9.75
N GLN B 242 -21.86 -15.73 -10.65
CA GLN B 242 -21.47 -15.93 -12.04
C GLN B 242 -20.97 -14.61 -12.67
N LYS B 243 -21.66 -13.49 -12.41
CA LYS B 243 -21.19 -12.22 -12.97
C LYS B 243 -19.77 -11.88 -12.53
N MET B 244 -19.41 -12.21 -11.26
CA MET B 244 -18.03 -11.96 -10.84
C MET B 244 -17.05 -12.76 -11.70
N ALA B 245 -17.39 -14.01 -11.98
CA ALA B 245 -16.55 -14.80 -12.87
C ALA B 245 -16.51 -14.18 -14.24
N ASP B 246 -17.67 -13.74 -14.74
CA ASP B 246 -17.70 -13.10 -16.05
C ASP B 246 -16.82 -11.86 -16.05
N LEU B 247 -16.84 -11.12 -14.92
CA LEU B 247 -16.04 -9.91 -14.90
C LEU B 247 -14.60 -10.27 -15.07
N ARG B 248 -14.20 -11.40 -14.48
CA ARG B 248 -12.79 -11.74 -14.59
C ARG B 248 -12.38 -11.84 -16.04
N GLN B 249 -13.17 -12.52 -16.87
CA GLN B 249 -12.38 -12.66 -18.06
C GLN B 249 -12.69 -11.46 -19.00
N LEU B 250 -13.77 -10.69 -18.72
CA LEU B 250 -13.93 -9.43 -19.43
C LEU B 250 -12.66 -8.61 -19.24
N VAL B 251 -12.13 -8.60 -18.02
CA VAL B 251 -10.92 -7.84 -17.78
C VAL B 251 -9.76 -8.47 -18.53
N THR B 252 -9.75 -9.80 -18.60
CA THR B 252 -8.70 -10.46 -19.36
C THR B 252 -8.71 -10.00 -20.80
N GLU B 253 -9.90 -9.97 -21.41
CA GLU B 253 -9.94 -9.53 -22.80
C GLU B 253 -9.48 -8.08 -22.89
N HIS B 254 -9.93 -7.25 -21.96
CA HIS B 254 -9.53 -5.86 -21.95
C HIS B 254 -8.02 -5.75 -21.90
N ALA B 255 -7.36 -6.56 -21.05
CA ALA B 255 -5.91 -6.44 -20.94
C ALA B 255 -5.22 -6.81 -22.23
N GLN B 256 -5.73 -7.81 -22.93
CA GLN B 256 -5.13 -8.16 -24.21
C GLN B 256 -5.25 -6.98 -25.17
N MET B 257 -6.42 -6.36 -25.20
CA MET B 257 -6.57 -5.22 -26.08
C MET B 257 -5.62 -4.13 -25.65
N MET B 258 -5.50 -3.96 -24.34
CA MET B 258 -4.61 -2.93 -23.84
C MET B 258 -3.18 -3.16 -24.29
N GLN B 259 -2.73 -4.40 -24.16
CA GLN B 259 -1.35 -4.74 -24.55
C GLN B 259 -1.14 -4.43 -26.03
N ARG B 260 -2.10 -4.77 -26.87
CA ARG B 260 -1.82 -4.56 -28.29
C ARG B 260 -1.89 -3.07 -28.63
N ILE B 261 -2.68 -2.30 -27.86
CA ILE B 261 -2.68 -0.84 -27.99
C ILE B 261 -1.31 -0.28 -27.63
N LYS B 262 -0.72 -0.83 -26.54
CA LYS B 262 0.68 -0.64 -26.21
C LYS B 262 1.61 -1.03 -27.35
N LYS B 263 1.32 -2.13 -28.05
CA LYS B 263 2.25 -2.59 -29.08
C LYS B 263 2.20 -1.67 -30.28
N THR B 264 0.99 -1.29 -30.71
CA THR B 264 0.81 -0.64 -32.00
C THR B 264 0.55 0.85 -31.94
N GLU B 265 0.00 1.38 -30.86
CA GLU B 265 -0.32 2.80 -30.75
C GLU B 265 0.72 3.54 -29.91
N THR B 266 1.95 3.55 -30.40
CA THR B 266 3.09 4.01 -29.61
C THR B 266 3.08 5.53 -29.37
N GLU B 267 2.31 6.30 -30.11
CA GLU B 267 2.16 7.72 -29.79
C GLU B 267 1.15 7.95 -28.68
N THR B 268 0.48 6.89 -28.23
CA THR B 268 -0.58 6.98 -27.25
C THR B 268 0.03 6.77 -25.88
N SER B 269 -0.02 7.81 -25.05
CA SER B 269 0.64 7.67 -23.77
C SER B 269 -0.27 6.99 -22.76
N LEU B 270 0.34 6.32 -21.81
CA LEU B 270 -0.39 5.40 -20.95
C LEU B 270 -0.23 6.03 -19.56
N HIS B 271 -1.32 6.35 -18.87
CA HIS B 271 -1.15 6.94 -17.52
C HIS B 271 -0.30 6.01 -16.65
N PRO B 272 0.60 6.57 -15.82
CA PRO B 272 1.53 5.72 -15.06
C PRO B 272 0.86 4.71 -14.13
N LEU B 273 -0.22 5.09 -13.45
CA LEU B 273 -0.88 4.14 -12.56
C LEU B 273 -1.47 2.97 -13.35
N LEU B 274 -2.03 3.26 -14.53
CA LEU B 274 -2.57 2.21 -15.40
C LEU B 274 -1.46 1.35 -15.97
N GLN B 275 -0.30 1.94 -16.24
CA GLN B 275 0.86 1.12 -16.58
C GLN B 275 1.19 0.13 -15.47
N GLU B 276 1.27 0.61 -14.23
CA GLU B 276 1.58 -0.28 -13.11
C GLU B 276 0.52 -1.38 -12.98
N ILE B 277 -0.75 -1.03 -13.14
CA ILE B 277 -1.84 -2.01 -13.03
C ILE B 277 -1.76 -3.05 -14.15
N TYR B 278 -1.47 -2.63 -15.39
CA TYR B 278 -1.43 -3.57 -16.53
C TYR B 278 -0.10 -4.31 -16.53
N LYS B 279 0.89 -3.77 -15.85
CA LYS B 279 2.04 -4.63 -15.65
C LYS B 279 1.73 -6.10 -15.34
N ASP B 280 2.28 -7.05 -16.10
CA ASP B 280 2.02 -8.45 -15.81
C ASP B 280 0.52 -8.79 -16.01
#